data_5QIJ
#
_entry.id   5QIJ
#
_cell.length_a   96.300
_cell.length_b   96.300
_cell.length_c   198.800
_cell.angle_alpha   90.000
_cell.angle_beta   90.000
_cell.angle_gamma   90.000
#
_symmetry.space_group_name_H-M   'P 41 2 2'
#
loop_
_entity.id
_entity.type
_entity.pdbx_description
1 polymer 'Corticosteroid 11-beta-dehydrogenase isozyme 1'
2 non-polymer 'NADP NICOTINAMIDE-ADENINE-DINUCLEOTIDE PHOSPHATE'
3 non-polymer 2-{3-[1-(4-chlorophenyl)cyclopropyl][1,2,4]triazolo[4,3-a]pyridin-8-yl}propan-2-ol
4 non-polymer 'SULFATE ION'
5 water water
#
_entity_poly.entity_id   1
_entity_poly.type   'polypeptide(L)'
_entity_poly.pdbx_seq_one_letter_code
;MHHHHHHNEEFRPEMLQGKKVIVTGASKGIGREMAYHLSKMGAHVVLTARSEEGLQKVVSRCLELGAASAHYIAGTMEDM
TFAEQFIVKAGKLMGGLDMLILNHITQTSLSLFHDDIHSVRRVMEVNFLSYVVMSTAALPMLKQSNGSIAVISSLAGKMT
QPMIAPYSASKFALDGFFSTIRTELYITKVNVSITLCVLGLIDTETAMKEISGIINAQASPKEECALEIIKGTALRKSEV
YYDKSPLTPILLGNPGRKIMEFFSLRYYNKDMFVSN
;
_entity_poly.pdbx_strand_id   A,B
#
# COMPACT_ATOMS: atom_id res chain seq x y z
N GLU A 9 -16.70 26.76 -2.29
CA GLU A 9 -17.79 26.65 -1.33
C GLU A 9 -17.29 26.49 0.13
N GLU A 10 -18.14 26.91 1.11
CA GLU A 10 -17.89 26.83 2.55
C GLU A 10 -18.87 25.86 3.25
N PHE A 11 -18.40 25.25 4.35
CA PHE A 11 -19.12 24.28 5.16
C PHE A 11 -20.15 24.90 6.08
N ARG A 12 -21.30 24.19 6.23
CA ARG A 12 -22.42 24.53 7.12
C ARG A 12 -22.76 23.27 7.94
N PRO A 13 -22.92 23.32 9.29
CA PRO A 13 -23.30 22.09 10.03
C PRO A 13 -24.63 21.49 9.56
N GLU A 14 -25.46 22.31 8.87
CA GLU A 14 -26.76 21.97 8.28
C GLU A 14 -26.62 20.86 7.21
N MET A 15 -25.44 20.79 6.55
CA MET A 15 -25.08 19.82 5.52
C MET A 15 -25.13 18.37 6.02
N LEU A 16 -25.06 18.19 7.34
CA LEU A 16 -25.06 16.87 7.94
C LEU A 16 -26.31 16.53 8.74
N GLN A 17 -27.22 17.52 8.85
CA GLN A 17 -28.54 17.37 9.48
C GLN A 17 -29.37 16.34 8.65
N GLY A 18 -29.78 15.27 9.33
CA GLY A 18 -30.56 14.18 8.78
C GLY A 18 -29.83 13.22 7.86
N LYS A 19 -28.48 13.33 7.75
CA LYS A 19 -27.68 12.44 6.90
C LYS A 19 -27.46 11.11 7.60
N LYS A 20 -27.39 10.03 6.82
CA LYS A 20 -27.22 8.68 7.34
C LYS A 20 -25.74 8.30 7.24
N VAL A 21 -25.04 8.34 8.39
CA VAL A 21 -23.58 8.15 8.47
C VAL A 21 -23.17 6.92 9.28
N ILE A 22 -22.19 6.14 8.75
CA ILE A 22 -21.54 5.01 9.39
C ILE A 22 -20.18 5.50 9.89
N VAL A 23 -19.82 5.17 11.13
CA VAL A 23 -18.52 5.51 11.68
C VAL A 23 -17.91 4.23 12.29
N THR A 24 -16.78 3.75 11.72
CA THR A 24 -16.07 2.57 12.24
C THR A 24 -15.09 3.03 13.29
N GLY A 25 -14.66 2.13 14.18
CA GLY A 25 -13.77 2.45 15.29
C GLY A 25 -14.26 3.65 16.08
N ALA A 26 -15.55 3.60 16.48
CA ALA A 26 -16.24 4.70 17.15
C ALA A 26 -16.30 4.62 18.70
N SER A 27 -15.69 3.62 19.35
CA SER A 27 -15.75 3.50 20.81
C SER A 27 -14.76 4.40 21.57
N LYS A 28 -13.75 4.96 20.88
CA LYS A 28 -12.74 5.88 21.44
C LYS A 28 -12.11 6.74 20.36
N GLY A 29 -11.02 7.45 20.74
CA GLY A 29 -10.21 8.32 19.89
C GLY A 29 -10.96 9.27 18.98
N ILE A 30 -10.53 9.31 17.69
CA ILE A 30 -11.06 10.19 16.64
C ILE A 30 -12.50 9.78 16.22
N GLY A 31 -12.75 8.46 16.17
CA GLY A 31 -14.05 7.88 15.82
C GLY A 31 -15.18 8.34 16.72
N ARG A 32 -14.96 8.26 18.06
CA ARG A 32 -15.90 8.73 19.09
C ARG A 32 -16.14 10.23 18.93
N GLU A 33 -15.09 11.02 18.64
CA GLU A 33 -15.23 12.46 18.43
C GLU A 33 -16.04 12.76 17.19
N MET A 34 -15.92 11.91 16.14
CA MET A 34 -16.67 12.12 14.90
C MET A 34 -18.13 11.81 15.18
N ALA A 35 -18.38 10.74 15.96
CA ALA A 35 -19.71 10.35 16.39
C ALA A 35 -20.38 11.55 17.06
N TYR A 36 -19.69 12.14 18.07
CA TYR A 36 -20.14 13.30 18.83
C TYR A 36 -20.45 14.50 17.93
N HIS A 37 -19.49 14.91 17.06
CA HIS A 37 -19.69 16.02 16.11
C HIS A 37 -20.91 15.79 15.21
N LEU A 38 -21.05 14.55 14.69
CA LEU A 38 -22.17 14.17 13.81
C LEU A 38 -23.53 14.27 14.52
N SER A 39 -23.56 13.90 15.83
CA SER A 39 -24.74 13.97 16.68
C SER A 39 -25.17 15.42 16.88
N LYS A 40 -24.22 16.31 17.26
CA LYS A 40 -24.47 17.74 17.44
C LYS A 40 -25.00 18.40 16.15
N MET A 41 -24.66 17.83 14.97
CA MET A 41 -25.12 18.32 13.66
C MET A 41 -26.51 17.78 13.30
N GLY A 42 -26.97 16.77 14.06
CA GLY A 42 -28.27 16.16 13.90
C GLY A 42 -28.33 15.12 12.80
N ALA A 43 -27.38 14.21 12.78
CA ALA A 43 -27.33 13.16 11.79
C ALA A 43 -27.81 11.85 12.39
N HIS A 44 -28.17 10.92 11.48
CA HIS A 44 -28.50 9.54 11.87
C HIS A 44 -27.13 8.84 11.86
N VAL A 45 -26.80 8.14 12.93
CA VAL A 45 -25.48 7.55 13.06
C VAL A 45 -25.50 6.06 13.41
N VAL A 46 -24.67 5.24 12.70
CA VAL A 46 -24.49 3.82 13.04
C VAL A 46 -23.01 3.61 13.32
N LEU A 47 -22.71 3.23 14.55
CA LEU A 47 -21.35 3.05 15.05
C LEU A 47 -20.93 1.60 15.25
N THR A 48 -19.62 1.33 15.08
CA THR A 48 -19.06 0.00 15.27
C THR A 48 -17.65 0.06 15.87
N ALA A 49 -17.29 -1.02 16.58
CA ALA A 49 -16.03 -1.30 17.27
C ALA A 49 -16.23 -2.70 17.84
N ARG A 50 -15.26 -3.24 18.57
CA ARG A 50 -15.42 -4.56 19.16
C ARG A 50 -16.16 -4.48 20.48
N SER A 51 -15.82 -3.48 21.31
CA SER A 51 -16.41 -3.25 22.63
C SER A 51 -17.89 -2.83 22.58
N GLU A 52 -18.79 -3.77 22.92
CA GLU A 52 -20.24 -3.53 22.96
C GLU A 52 -20.58 -2.49 24.02
N GLU A 53 -19.87 -2.55 25.18
CA GLU A 53 -20.02 -1.62 26.29
C GLU A 53 -19.62 -0.20 25.92
N GLY A 54 -18.47 -0.06 25.26
CA GLY A 54 -17.94 1.24 24.81
C GLY A 54 -18.86 1.91 23.81
N LEU A 55 -19.42 1.10 22.88
CA LEU A 55 -20.37 1.55 21.85
C LEU A 55 -21.66 2.01 22.49
N GLN A 56 -22.16 1.26 23.51
CA GLN A 56 -23.36 1.60 24.29
C GLN A 56 -23.17 2.99 24.89
N LYS A 57 -22.02 3.23 25.58
CA LYS A 57 -21.69 4.53 26.20
C LYS A 57 -21.69 5.69 25.21
N VAL A 58 -21.08 5.49 24.00
CA VAL A 58 -21.01 6.60 23.04
C VAL A 58 -22.40 6.83 22.39
N VAL A 59 -23.20 5.76 22.15
CA VAL A 59 -24.58 5.89 21.61
C VAL A 59 -25.46 6.76 22.58
N SER A 60 -25.34 6.53 23.92
CA SER A 60 -26.04 7.33 24.96
C SER A 60 -25.74 8.82 24.82
N ARG A 61 -24.43 9.19 24.88
CA ARG A 61 -23.95 10.57 24.73
C ARG A 61 -24.37 11.16 23.37
N CYS A 62 -24.36 10.35 22.29
CA CYS A 62 -24.78 10.77 20.95
C CYS A 62 -26.24 11.27 20.94
N LEU A 63 -27.15 10.46 21.55
CA LEU A 63 -28.57 10.76 21.66
C LEU A 63 -28.76 12.05 22.44
N GLU A 64 -28.01 12.18 23.55
CA GLU A 64 -27.95 13.35 24.43
C GLU A 64 -27.43 14.58 23.70
N LEU A 65 -26.45 14.41 22.78
CA LEU A 65 -25.85 15.52 22.01
C LEU A 65 -26.75 16.05 20.90
N GLY A 66 -27.76 15.26 20.51
CA GLY A 66 -28.73 15.70 19.51
C GLY A 66 -28.84 14.85 18.25
N ALA A 67 -28.31 13.62 18.29
CA ALA A 67 -28.36 12.69 17.16
C ALA A 67 -29.81 12.38 16.77
N ALA A 68 -30.13 12.46 15.45
CA ALA A 68 -31.45 12.14 14.88
C ALA A 68 -31.85 10.70 15.29
N SER A 69 -30.88 9.76 15.26
CA SER A 69 -30.95 8.37 15.70
C SER A 69 -29.52 7.87 15.93
N ALA A 70 -29.33 6.93 16.84
CA ALA A 70 -28.01 6.39 17.14
C ALA A 70 -28.09 4.89 17.39
N HIS A 71 -27.36 4.13 16.58
CA HIS A 71 -27.30 2.69 16.66
C HIS A 71 -25.89 2.18 16.73
N TYR A 72 -25.74 0.93 17.10
CA TYR A 72 -24.45 0.29 17.16
C TYR A 72 -24.57 -1.19 16.83
N ILE A 73 -23.51 -1.75 16.25
CA ILE A 73 -23.37 -3.17 15.94
C ILE A 73 -21.92 -3.51 16.29
N ALA A 74 -21.69 -4.20 17.42
CA ALA A 74 -20.35 -4.59 17.87
C ALA A 74 -19.78 -5.77 17.07
N GLY A 75 -18.46 -5.77 16.88
CA GLY A 75 -17.77 -6.82 16.14
C GLY A 75 -16.36 -6.49 15.73
N THR A 76 -15.64 -7.51 15.19
CA THR A 76 -14.26 -7.39 14.73
C THR A 76 -14.16 -7.26 13.22
N MET A 77 -13.33 -6.31 12.80
CA MET A 77 -13.09 -6.06 11.39
C MET A 77 -12.03 -7.04 10.83
N GLU A 78 -11.64 -8.05 11.65
CA GLU A 78 -10.76 -9.15 11.25
C GLU A 78 -11.60 -10.12 10.40
N ASP A 79 -12.93 -10.14 10.65
CA ASP A 79 -13.91 -10.96 9.95
C ASP A 79 -14.53 -10.16 8.82
N MET A 80 -14.25 -10.61 7.58
CA MET A 80 -14.75 -9.98 6.37
C MET A 80 -16.26 -10.15 6.18
N THR A 81 -16.85 -11.27 6.71
CA THR A 81 -18.30 -11.50 6.61
C THR A 81 -18.99 -10.48 7.53
N PHE A 82 -18.46 -10.28 8.76
CA PHE A 82 -18.96 -9.27 9.69
C PHE A 82 -18.93 -7.88 9.03
N ALA A 83 -17.75 -7.47 8.50
CA ALA A 83 -17.55 -6.16 7.82
C ALA A 83 -18.64 -5.90 6.75
N GLU A 84 -18.96 -6.91 5.92
CA GLU A 84 -19.98 -6.82 4.87
C GLU A 84 -21.41 -6.81 5.44
N GLN A 85 -21.71 -7.71 6.40
CA GLN A 85 -23.03 -7.79 7.05
C GLN A 85 -23.36 -6.48 7.75
N PHE A 86 -22.36 -5.89 8.48
CA PHE A 86 -22.47 -4.64 9.19
C PHE A 86 -23.03 -3.50 8.32
N ILE A 87 -22.48 -3.34 7.10
CA ILE A 87 -22.92 -2.32 6.15
C ILE A 87 -24.38 -2.54 5.76
N VAL A 88 -24.75 -3.79 5.40
CA VAL A 88 -26.10 -4.19 5.02
C VAL A 88 -27.08 -3.83 6.12
N LYS A 89 -26.77 -4.26 7.37
CA LYS A 89 -27.58 -3.99 8.56
C LYS A 89 -27.72 -2.52 8.82
N ALA A 90 -26.56 -1.80 8.91
CA ALA A 90 -26.56 -0.34 9.16
C ALA A 90 -27.38 0.45 8.13
N GLY A 91 -27.30 0.04 6.86
CA GLY A 91 -28.07 0.63 5.77
C GLY A 91 -29.56 0.42 5.93
N LYS A 92 -29.95 -0.77 6.40
CA LYS A 92 -31.36 -1.12 6.68
C LYS A 92 -31.84 -0.35 7.90
N LEU A 93 -31.00 -0.30 9.00
CA LEU A 93 -31.29 0.47 10.22
C LEU A 93 -31.66 1.91 9.90
N MET A 94 -30.95 2.57 8.96
CA MET A 94 -31.22 3.97 8.63
C MET A 94 -32.09 4.16 7.39
N GLY A 95 -32.32 3.11 6.62
CA GLY A 95 -33.05 3.16 5.37
C GLY A 95 -32.27 3.92 4.32
N GLY A 96 -30.95 3.70 4.30
CA GLY A 96 -30.02 4.36 3.38
C GLY A 96 -28.68 4.70 4.02
N LEU A 97 -27.79 5.30 3.20
CA LEU A 97 -26.44 5.74 3.58
C LEU A 97 -26.01 6.93 2.75
N ASP A 98 -25.55 7.99 3.43
CA ASP A 98 -25.08 9.24 2.83
C ASP A 98 -23.57 9.42 2.94
N MET A 99 -22.98 8.87 4.00
CA MET A 99 -21.54 8.98 4.25
C MET A 99 -21.02 7.75 4.99
N LEU A 100 -19.93 7.17 4.48
CA LEU A 100 -19.24 6.02 5.10
C LEU A 100 -17.90 6.51 5.64
N ILE A 101 -17.70 6.38 6.97
CA ILE A 101 -16.44 6.84 7.61
C ILE A 101 -15.62 5.63 8.08
N LEU A 102 -14.61 5.25 7.28
CA LEU A 102 -13.74 4.08 7.54
C LEU A 102 -12.54 4.57 8.36
N ASN A 103 -12.57 4.26 9.67
CA ASN A 103 -11.65 4.80 10.67
C ASN A 103 -10.93 3.79 11.55
N HIS A 104 -11.54 2.66 11.91
CA HIS A 104 -10.88 1.67 12.79
C HIS A 104 -9.50 1.22 12.27
N ILE A 105 -8.66 0.77 13.18
CA ILE A 105 -7.35 0.20 12.88
C ILE A 105 -7.12 -0.89 13.90
N THR A 106 -6.35 -1.92 13.55
CA THR A 106 -5.98 -2.94 14.52
C THR A 106 -4.83 -2.35 15.39
N GLN A 107 -4.64 -2.90 16.60
CA GLN A 107 -3.59 -2.47 17.51
C GLN A 107 -2.22 -2.72 16.91
N THR A 108 -1.35 -1.72 17.01
CA THR A 108 0.06 -1.78 16.61
C THR A 108 0.88 -0.96 17.59
N SER A 109 2.09 -1.46 17.89
CA SER A 109 3.03 -0.79 18.79
C SER A 109 4.29 -0.46 18.01
N LEU A 110 4.92 0.72 18.29
CA LEU A 110 6.15 1.19 17.64
C LEU A 110 7.28 0.20 17.87
N SER A 111 7.75 -0.42 16.80
CA SER A 111 8.82 -1.41 16.88
C SER A 111 9.60 -1.48 15.57
N LEU A 112 10.93 -1.55 15.65
CA LEU A 112 11.78 -1.77 14.47
C LEU A 112 11.37 -3.14 13.95
N PHE A 113 10.98 -3.24 12.66
CA PHE A 113 10.51 -4.52 12.12
C PHE A 113 11.55 -5.63 12.26
N HIS A 114 11.13 -6.75 12.84
CA HIS A 114 12.03 -7.88 13.02
C HIS A 114 11.49 -8.98 12.10
N ASP A 115 10.37 -9.56 12.53
CA ASP A 115 9.53 -10.57 11.90
C ASP A 115 8.12 -10.29 12.46
N ASP A 116 7.19 -11.25 12.30
CA ASP A 116 5.79 -11.19 12.75
C ASP A 116 4.90 -11.04 11.55
N ILE A 117 5.07 -11.98 10.61
CA ILE A 117 4.28 -12.05 9.38
C ILE A 117 2.79 -12.04 9.73
N HIS A 118 2.44 -12.73 10.83
CA HIS A 118 1.07 -12.83 11.32
C HIS A 118 0.51 -11.47 11.71
N SER A 119 1.37 -10.58 12.27
CA SER A 119 1.00 -9.21 12.61
C SER A 119 0.77 -8.43 11.33
N VAL A 120 1.66 -8.59 10.32
CA VAL A 120 1.56 -7.91 9.04
C VAL A 120 0.26 -8.30 8.33
N ARG A 121 -0.13 -9.59 8.41
CA ARG A 121 -1.37 -10.07 7.80
C ARG A 121 -2.59 -9.44 8.48
N ARG A 122 -2.58 -9.41 9.83
CA ARG A 122 -3.64 -8.83 10.65
C ARG A 122 -3.79 -7.34 10.30
N VAL A 123 -2.66 -6.61 10.19
CA VAL A 123 -2.64 -5.20 9.84
C VAL A 123 -3.30 -4.98 8.48
N MET A 124 -2.91 -5.73 7.45
CA MET A 124 -3.47 -5.62 6.11
C MET A 124 -4.95 -5.99 6.04
N GLU A 125 -5.35 -7.03 6.78
CA GLU A 125 -6.72 -7.52 6.86
C GLU A 125 -7.66 -6.44 7.46
N VAL A 126 -7.32 -5.96 8.67
CA VAL A 126 -8.09 -4.97 9.39
C VAL A 126 -7.95 -3.56 8.80
N ASN A 127 -6.71 -3.06 8.67
CA ASN A 127 -6.50 -1.69 8.22
C ASN A 127 -6.78 -1.48 6.75
N PHE A 128 -6.65 -2.53 5.90
CA PHE A 128 -6.85 -2.35 4.48
C PHE A 128 -8.06 -3.13 3.91
N LEU A 129 -8.03 -4.49 3.94
CA LEU A 129 -9.07 -5.34 3.37
C LEU A 129 -10.48 -5.04 3.82
N SER A 130 -10.68 -4.78 5.13
CA SER A 130 -12.00 -4.50 5.67
C SER A 130 -12.61 -3.25 5.05
N TYR A 131 -11.78 -2.22 4.79
CA TYR A 131 -12.17 -0.94 4.16
C TYR A 131 -12.63 -1.19 2.73
N VAL A 132 -11.96 -2.09 1.98
CA VAL A 132 -12.40 -2.38 0.61
C VAL A 132 -13.70 -3.21 0.64
N VAL A 133 -13.85 -4.13 1.64
CA VAL A 133 -15.07 -4.96 1.83
C VAL A 133 -16.27 -4.05 2.07
N MET A 134 -16.13 -3.12 3.04
CA MET A 134 -17.18 -2.18 3.40
C MET A 134 -17.50 -1.18 2.30
N SER A 135 -16.49 -0.60 1.61
CA SER A 135 -16.80 0.34 0.54
C SER A 135 -17.57 -0.33 -0.63
N THR A 136 -17.25 -1.61 -0.92
CA THR A 136 -17.91 -2.40 -1.96
C THR A 136 -19.36 -2.67 -1.57
N ALA A 137 -19.59 -2.96 -0.27
CA ALA A 137 -20.91 -3.24 0.29
C ALA A 137 -21.80 -1.99 0.37
N ALA A 138 -21.20 -0.80 0.62
CA ALA A 138 -21.90 0.48 0.77
C ALA A 138 -22.14 1.24 -0.51
N LEU A 139 -21.39 0.89 -1.57
CA LEU A 139 -21.43 1.63 -2.83
C LEU A 139 -22.81 1.66 -3.48
N PRO A 140 -23.60 0.56 -3.58
CA PRO A 140 -24.94 0.70 -4.17
C PRO A 140 -25.84 1.76 -3.48
N MET A 141 -25.77 1.82 -2.13
CA MET A 141 -26.52 2.79 -1.33
C MET A 141 -26.01 4.20 -1.55
N LEU A 142 -24.67 4.36 -1.60
CA LEU A 142 -24.02 5.66 -1.78
C LEU A 142 -24.27 6.19 -3.20
N LYS A 143 -24.36 5.28 -4.20
CA LYS A 143 -24.66 5.60 -5.60
C LYS A 143 -26.02 6.28 -5.68
N GLN A 144 -27.01 5.79 -4.86
CA GLN A 144 -28.39 6.30 -4.76
C GLN A 144 -28.50 7.69 -4.16
N SER A 145 -27.76 7.96 -3.08
CA SER A 145 -27.79 9.23 -2.35
C SER A 145 -26.77 10.24 -2.83
N ASN A 146 -25.95 9.88 -3.84
CA ASN A 146 -24.82 10.67 -4.34
C ASN A 146 -23.90 11.01 -3.13
N GLY A 147 -23.61 9.94 -2.36
CA GLY A 147 -22.86 9.95 -1.12
C GLY A 147 -21.36 10.10 -1.17
N SER A 148 -20.72 9.82 -0.03
CA SER A 148 -19.31 10.02 0.22
C SER A 148 -18.68 8.96 1.11
N ILE A 149 -17.39 8.67 0.84
CA ILE A 149 -16.58 7.82 1.70
C ILE A 149 -15.42 8.68 2.24
N ALA A 150 -15.14 8.55 3.54
CA ALA A 150 -13.99 9.16 4.20
C ALA A 150 -13.08 7.99 4.59
N VAL A 151 -11.88 7.95 3.99
CA VAL A 151 -10.87 6.92 4.27
C VAL A 151 -9.83 7.57 5.19
N ILE A 152 -9.76 7.12 6.43
CA ILE A 152 -8.83 7.72 7.36
C ILE A 152 -7.44 7.11 7.22
N SER A 153 -6.48 7.97 6.91
CA SER A 153 -5.08 7.64 6.69
C SER A 153 -4.20 8.51 7.64
N SER A 154 -2.88 8.55 7.37
CA SER A 154 -1.87 9.25 8.15
C SER A 154 -0.78 9.82 7.25
N LEU A 155 0.15 10.62 7.83
CA LEU A 155 1.36 11.11 7.14
C LEU A 155 2.15 9.86 6.68
N ALA A 156 2.15 8.79 7.50
CA ALA A 156 2.73 7.47 7.26
C ALA A 156 2.06 6.73 6.06
N GLY A 157 1.03 7.34 5.47
CA GLY A 157 0.35 6.80 4.30
C GLY A 157 0.71 7.59 3.06
N LYS A 158 1.58 8.56 3.23
CA LYS A 158 2.04 9.46 2.18
C LYS A 158 3.59 9.59 2.14
N MET A 159 4.25 9.22 3.24
CA MET A 159 5.70 9.29 3.48
C MET A 159 6.05 8.16 4.47
N THR A 160 7.34 8.00 4.73
CA THR A 160 7.83 6.91 5.55
C THR A 160 8.59 7.37 6.83
N GLN A 161 8.51 6.54 7.87
CA GLN A 161 9.24 6.74 9.14
C GLN A 161 9.58 5.39 9.77
N PRO A 162 10.58 5.34 10.67
CA PRO A 162 10.90 4.06 11.34
C PRO A 162 9.83 3.57 12.32
N MET A 163 9.88 2.25 12.58
CA MET A 163 9.14 1.48 13.59
C MET A 163 7.63 1.23 13.29
N ILE A 164 7.15 1.63 12.10
CA ILE A 164 5.73 1.49 11.73
C ILE A 164 5.53 0.92 10.31
N ALA A 165 6.40 -0.02 9.87
CA ALA A 165 6.38 -0.62 8.52
C ALA A 165 5.04 -1.25 8.15
N PRO A 166 4.45 -2.19 8.94
CA PRO A 166 3.16 -2.79 8.53
C PRO A 166 2.01 -1.77 8.42
N TYR A 167 1.94 -0.86 9.39
CA TYR A 167 0.94 0.22 9.47
C TYR A 167 1.06 1.14 8.23
N SER A 168 2.28 1.63 7.96
CA SER A 168 2.58 2.46 6.80
C SER A 168 2.18 1.73 5.49
N ALA A 169 2.48 0.40 5.40
CA ALA A 169 2.11 -0.46 4.29
C ALA A 169 0.61 -0.43 4.01
N SER A 170 -0.21 -0.51 5.09
CA SER A 170 -1.67 -0.50 5.00
C SER A 170 -2.25 0.85 4.58
N LYS A 171 -1.67 1.97 5.06
CA LYS A 171 -2.14 3.30 4.75
C LYS A 171 -1.78 3.67 3.32
N PHE A 172 -0.60 3.20 2.87
CA PHE A 172 -0.14 3.37 1.50
C PHE A 172 -1.09 2.57 0.58
N ALA A 173 -1.43 1.33 0.98
CA ALA A 173 -2.32 0.47 0.23
C ALA A 173 -3.70 1.15 0.02
N LEU A 174 -4.24 1.83 1.06
CA LEU A 174 -5.53 2.54 0.99
C LEU A 174 -5.48 3.63 -0.08
N ASP A 175 -4.37 4.44 -0.07
CA ASP A 175 -4.17 5.50 -1.06
C ASP A 175 -4.19 4.89 -2.47
N GLY A 176 -3.40 3.85 -2.71
CA GLY A 176 -3.35 3.14 -3.97
C GLY A 176 -4.69 2.67 -4.48
N PHE A 177 -5.46 2.02 -3.59
CA PHE A 177 -6.78 1.47 -3.91
C PHE A 177 -7.85 2.53 -4.13
N PHE A 178 -8.11 3.35 -3.10
CA PHE A 178 -9.17 4.36 -3.12
C PHE A 178 -8.96 5.49 -4.10
N SER A 179 -7.70 5.80 -4.45
CA SER A 179 -7.44 6.83 -5.45
C SER A 179 -7.84 6.28 -6.81
N THR A 180 -7.66 4.97 -7.05
CA THR A 180 -8.09 4.29 -8.27
C THR A 180 -9.62 4.29 -8.34
N ILE A 181 -10.30 3.92 -7.24
CA ILE A 181 -11.77 3.94 -7.11
C ILE A 181 -12.31 5.36 -7.39
N ARG A 182 -11.72 6.40 -6.76
CA ARG A 182 -12.12 7.79 -6.98
C ARG A 182 -12.10 8.11 -8.47
N THR A 183 -10.96 7.91 -9.14
CA THR A 183 -10.80 8.15 -10.58
C THR A 183 -11.87 7.37 -11.40
N GLU A 184 -12.13 6.11 -11.01
CA GLU A 184 -13.09 5.23 -11.66
C GLU A 184 -14.51 5.75 -11.56
N LEU A 185 -14.88 6.32 -10.39
CA LEU A 185 -16.22 6.89 -10.15
C LEU A 185 -16.42 8.13 -10.98
N TYR A 186 -15.39 8.98 -11.05
CA TYR A 186 -15.39 10.20 -11.83
C TYR A 186 -15.56 9.93 -13.34
N ILE A 187 -14.76 9.00 -13.90
CA ILE A 187 -14.80 8.69 -15.34
C ILE A 187 -16.08 7.96 -15.76
N THR A 188 -16.74 7.22 -14.83
CA THR A 188 -18.01 6.55 -15.10
C THR A 188 -19.22 7.46 -14.74
N LYS A 189 -18.93 8.75 -14.49
CA LYS A 189 -19.90 9.78 -14.16
C LYS A 189 -20.82 9.39 -12.96
N VAL A 190 -20.25 8.71 -11.93
CA VAL A 190 -20.94 8.30 -10.69
C VAL A 190 -20.60 9.35 -9.63
N ASN A 191 -21.61 10.08 -9.14
CA ASN A 191 -21.39 11.15 -8.18
C ASN A 191 -21.25 10.66 -6.72
N VAL A 192 -20.19 9.88 -6.46
CA VAL A 192 -19.82 9.42 -5.12
C VAL A 192 -18.41 9.94 -4.89
N SER A 193 -18.21 10.71 -3.82
CA SER A 193 -16.89 11.30 -3.51
C SER A 193 -16.09 10.41 -2.53
N ILE A 194 -14.74 10.47 -2.64
CA ILE A 194 -13.79 9.70 -1.82
C ILE A 194 -12.82 10.67 -1.20
N THR A 195 -12.81 10.76 0.11
CA THR A 195 -11.95 11.71 0.81
C THR A 195 -10.91 10.97 1.61
N LEU A 196 -9.64 11.04 1.20
CA LEU A 196 -8.54 10.42 1.94
C LEU A 196 -8.05 11.44 2.96
N CYS A 197 -8.12 11.08 4.23
CA CYS A 197 -7.78 12.04 5.30
C CYS A 197 -6.42 11.72 5.85
N VAL A 198 -5.45 12.59 5.54
CA VAL A 198 -4.05 12.43 5.90
C VAL A 198 -3.75 13.15 7.22
N LEU A 199 -3.68 12.37 8.29
CA LEU A 199 -3.53 12.90 9.63
C LEU A 199 -2.15 12.82 10.20
N GLY A 200 -1.80 13.90 10.88
CA GLY A 200 -0.56 13.98 11.65
C GLY A 200 -0.82 13.33 13.00
N LEU A 201 0.11 13.49 13.96
CA LEU A 201 -0.05 12.94 15.30
C LEU A 201 -1.21 13.65 16.06
N ILE A 202 -2.15 12.84 16.58
CA ILE A 202 -3.39 13.28 17.24
C ILE A 202 -3.36 12.83 18.71
N ASP A 203 -3.81 13.70 19.64
CA ASP A 203 -3.70 13.41 21.08
C ASP A 203 -4.70 12.37 21.62
N THR A 204 -4.76 11.19 20.98
CA THR A 204 -5.62 10.13 21.48
C THR A 204 -4.84 9.45 22.61
N GLU A 205 -5.55 8.85 23.56
CA GLU A 205 -4.92 8.15 24.71
C GLU A 205 -4.01 7.04 24.17
N THR A 206 -4.50 6.31 23.15
CA THR A 206 -3.86 5.22 22.44
C THR A 206 -2.56 5.68 21.70
N ALA A 207 -2.62 6.82 20.98
CA ALA A 207 -1.49 7.39 20.25
C ALA A 207 -0.38 7.84 21.22
N MET A 208 -0.74 8.69 22.23
CA MET A 208 0.17 9.23 23.25
C MET A 208 0.85 8.12 24.09
N LYS A 209 0.13 7.01 24.37
CA LYS A 209 0.64 5.85 25.12
C LYS A 209 1.65 4.99 24.31
N GLU A 210 1.68 5.14 22.97
CA GLU A 210 2.56 4.37 22.08
C GLU A 210 3.88 5.11 21.76
N ILE A 211 3.78 6.43 21.52
CA ILE A 211 4.92 7.27 21.18
C ILE A 211 5.69 7.75 22.44
N SER A 212 5.14 7.50 23.65
CA SER A 212 5.78 7.88 24.91
C SER A 212 7.19 7.30 25.02
N GLY A 213 8.16 8.18 25.20
CA GLY A 213 9.58 7.85 25.33
C GLY A 213 10.28 7.43 24.05
N ILE A 214 9.53 7.34 22.92
CA ILE A 214 10.05 6.96 21.61
C ILE A 214 10.09 8.18 20.67
N ILE A 215 8.95 8.91 20.55
CA ILE A 215 8.79 10.07 19.68
C ILE A 215 8.46 11.30 20.50
N ASN A 216 9.10 12.44 20.13
CA ASN A 216 9.01 13.73 20.78
C ASN A 216 8.16 14.80 20.09
N ALA A 217 7.47 14.48 19.01
CA ALA A 217 6.65 15.49 18.34
C ALA A 217 5.36 15.86 19.11
N GLN A 218 4.88 17.11 18.91
CA GLN A 218 3.64 17.68 19.46
C GLN A 218 2.43 17.10 18.71
N ALA A 219 1.35 16.79 19.45
CA ALA A 219 0.12 16.22 18.87
C ALA A 219 -0.98 17.27 18.76
N SER A 220 -1.85 17.09 17.77
CA SER A 220 -2.98 17.98 17.51
C SER A 220 -4.24 17.49 18.30
N PRO A 221 -5.21 18.39 18.62
CA PRO A 221 -6.39 17.94 19.36
C PRO A 221 -7.37 17.08 18.55
N LYS A 222 -7.81 15.95 19.14
CA LYS A 222 -8.71 14.97 18.54
C LYS A 222 -10.08 15.51 18.13
N GLU A 223 -10.62 16.48 18.91
CA GLU A 223 -11.92 17.08 18.65
C GLU A 223 -11.89 17.88 17.35
N GLU A 224 -10.84 18.71 17.17
CA GLU A 224 -10.69 19.54 15.97
C GLU A 224 -10.45 18.65 14.74
N CYS A 225 -9.68 17.57 14.94
CA CYS A 225 -9.31 16.59 13.92
C CYS A 225 -10.56 15.97 13.29
N ALA A 226 -11.45 15.46 14.18
CA ALA A 226 -12.72 14.80 13.88
C ALA A 226 -13.59 15.72 13.06
N LEU A 227 -13.64 17.00 13.44
CA LEU A 227 -14.43 18.00 12.74
C LEU A 227 -13.85 18.30 11.37
N GLU A 228 -12.50 18.36 11.25
CA GLU A 228 -11.88 18.65 9.96
C GLU A 228 -12.13 17.55 8.92
N ILE A 229 -12.20 16.28 9.38
CA ILE A 229 -12.51 15.11 8.57
C ILE A 229 -13.94 15.24 8.02
N ILE A 230 -14.92 15.45 8.93
CA ILE A 230 -16.33 15.60 8.60
C ILE A 230 -16.52 16.73 7.60
N LYS A 231 -15.94 17.90 7.91
CA LYS A 231 -16.01 19.08 7.04
C LYS A 231 -15.51 18.76 5.63
N GLY A 232 -14.32 18.17 5.54
CA GLY A 232 -13.66 17.82 4.29
C GLY A 232 -14.44 16.83 3.44
N THR A 233 -15.02 15.82 4.10
CA THR A 233 -15.82 14.78 3.46
C THR A 233 -17.14 15.37 2.95
N ALA A 234 -17.78 16.20 3.80
CA ALA A 234 -19.03 16.90 3.45
C ALA A 234 -18.81 17.79 2.25
N LEU A 235 -17.65 18.48 2.19
CA LEU A 235 -17.29 19.37 1.07
C LEU A 235 -16.77 18.65 -0.18
N ARG A 236 -16.72 17.29 -0.12
CA ARG A 236 -16.35 16.38 -1.22
C ARG A 236 -14.92 16.58 -1.77
N LYS A 237 -13.97 16.92 -0.88
CA LYS A 237 -12.55 17.09 -1.18
C LYS A 237 -11.90 15.72 -1.41
N SER A 238 -10.91 15.64 -2.31
CA SER A 238 -10.22 14.37 -2.59
C SER A 238 -9.32 14.07 -1.43
N GLU A 239 -8.65 15.09 -0.91
CA GLU A 239 -7.77 14.90 0.24
C GLU A 239 -7.90 16.00 1.26
N VAL A 240 -7.78 15.60 2.52
CA VAL A 240 -7.78 16.47 3.68
C VAL A 240 -6.48 16.18 4.41
N TYR A 241 -5.69 17.20 4.68
CA TYR A 241 -4.45 17.05 5.49
C TYR A 241 -4.74 17.74 6.83
N TYR A 242 -4.56 17.04 7.94
CA TYR A 242 -4.77 17.67 9.24
C TYR A 242 -3.55 17.41 10.07
N ASP A 243 -2.78 18.47 10.32
CA ASP A 243 -1.51 18.37 11.05
C ASP A 243 -1.06 19.75 11.53
N LYS A 244 -0.17 19.80 12.55
CA LYS A 244 0.35 21.06 13.13
C LYS A 244 1.03 21.99 12.12
N SER A 245 1.85 21.44 11.18
CA SER A 245 2.55 22.27 10.19
C SER A 245 1.72 22.58 8.96
N PRO A 246 1.69 23.87 8.54
CA PRO A 246 0.94 24.21 7.30
C PRO A 246 1.71 23.86 6.04
N LEU A 247 2.93 23.32 6.20
CA LEU A 247 3.87 22.91 5.15
C LEU A 247 3.53 21.53 4.60
N THR A 248 3.03 20.65 5.49
CA THR A 248 2.62 19.26 5.26
C THR A 248 1.82 19.06 3.95
N PRO A 249 0.69 19.76 3.70
CA PRO A 249 -0.01 19.55 2.41
C PRO A 249 0.78 19.99 1.18
N ILE A 250 1.73 20.94 1.33
CA ILE A 250 2.55 21.40 0.19
C ILE A 250 3.65 20.35 -0.05
N LEU A 251 4.26 19.86 1.06
CA LEU A 251 5.34 18.87 1.01
C LEU A 251 4.86 17.49 0.53
N LEU A 252 3.69 17.02 1.03
CA LEU A 252 3.15 15.70 0.71
C LEU A 252 2.14 15.66 -0.42
N GLY A 253 1.76 16.83 -0.92
CA GLY A 253 0.74 16.99 -1.94
C GLY A 253 0.96 16.25 -3.24
N ASN A 254 2.22 16.15 -3.68
CA ASN A 254 2.66 15.47 -4.91
C ASN A 254 1.87 15.91 -6.19
N PRO A 255 1.98 17.18 -6.60
CA PRO A 255 1.26 17.62 -7.82
C PRO A 255 1.75 16.92 -9.09
N GLY A 256 2.98 16.41 -9.04
CA GLY A 256 3.58 15.66 -10.13
C GLY A 256 2.80 14.42 -10.47
N ARG A 257 2.34 13.71 -9.42
CA ARG A 257 1.50 12.51 -9.49
C ARG A 257 0.18 12.87 -10.14
N LYS A 258 -0.39 14.00 -9.72
CA LYS A 258 -1.68 14.50 -10.20
C LYS A 258 -1.64 14.80 -11.69
N ILE A 259 -0.52 15.42 -12.16
CA ILE A 259 -0.26 15.70 -13.57
C ILE A 259 -0.16 14.40 -14.37
N MET A 260 0.63 13.43 -13.89
CA MET A 260 0.78 12.20 -14.61
C MET A 260 -0.51 11.42 -14.70
N GLU A 261 -1.32 11.43 -13.60
CA GLU A 261 -2.61 10.79 -13.51
C GLU A 261 -3.58 11.32 -14.55
N PHE A 262 -3.63 12.65 -14.69
CA PHE A 262 -4.50 13.29 -15.66
C PHE A 262 -4.09 12.94 -17.10
N PHE A 263 -2.82 13.20 -17.43
CA PHE A 263 -2.30 12.99 -18.77
C PHE A 263 -2.38 11.54 -19.28
N SER A 264 -2.20 10.56 -18.40
CA SER A 264 -2.19 9.14 -18.72
C SER A 264 -3.53 8.59 -19.20
N LEU A 265 -4.65 9.20 -18.77
CA LEU A 265 -6.01 8.84 -19.19
C LEU A 265 -6.20 8.93 -20.72
N ARG A 266 -5.37 9.73 -21.42
CA ARG A 266 -5.42 9.89 -22.87
C ARG A 266 -5.15 8.60 -23.64
N TYR A 267 -4.57 7.58 -22.95
CA TYR A 267 -4.22 6.29 -23.50
C TYR A 267 -5.26 5.22 -23.26
N TYR A 268 -6.28 5.53 -22.47
CA TYR A 268 -7.38 4.59 -22.21
C TYR A 268 -8.47 4.73 -23.25
N ASN A 269 -9.08 3.60 -23.61
CA ASN A 269 -10.20 3.57 -24.56
C ASN A 269 -11.41 4.12 -23.79
N LYS A 270 -11.86 5.35 -24.12
CA LYS A 270 -13.02 5.98 -23.44
C LYS A 270 -14.29 5.12 -23.40
N ASP A 271 -14.44 4.18 -24.38
CA ASP A 271 -15.58 3.23 -24.47
C ASP A 271 -15.67 2.28 -23.26
N MET A 272 -14.53 2.06 -22.55
CA MET A 272 -14.42 1.21 -21.36
C MET A 272 -15.21 1.78 -20.19
N PHE A 273 -15.56 3.08 -20.24
CA PHE A 273 -16.32 3.76 -19.19
C PHE A 273 -17.47 4.58 -19.73
N GLU B 9 29.53 6.74 -8.91
CA GLU B 9 30.03 5.40 -9.24
C GLU B 9 29.34 4.83 -10.49
N GLU B 10 30.14 4.25 -11.40
CA GLU B 10 29.60 3.63 -12.61
C GLU B 10 29.60 2.09 -12.48
N PHE B 11 28.64 1.45 -13.15
CA PHE B 11 28.42 0.01 -13.17
C PHE B 11 29.41 -0.75 -14.05
N ARG B 12 29.83 -1.94 -13.58
CA ARG B 12 30.71 -2.88 -14.28
C ARG B 12 30.04 -4.28 -14.23
N PRO B 13 29.94 -5.04 -15.34
CA PRO B 13 29.35 -6.40 -15.25
C PRO B 13 30.09 -7.33 -14.28
N GLU B 14 31.36 -6.98 -13.99
CA GLU B 14 32.28 -7.66 -13.05
C GLU B 14 31.72 -7.67 -11.62
N MET B 15 30.90 -6.66 -11.27
CA MET B 15 30.25 -6.48 -9.96
C MET B 15 29.32 -7.64 -9.61
N LEU B 16 28.87 -8.40 -10.61
CA LEU B 16 27.94 -9.49 -10.40
C LEU B 16 28.55 -10.87 -10.64
N GLN B 17 29.82 -10.90 -11.09
CA GLN B 17 30.61 -12.13 -11.27
C GLN B 17 30.80 -12.81 -9.88
N GLY B 18 30.30 -14.05 -9.79
CA GLY B 18 30.34 -14.89 -8.60
C GLY B 18 29.39 -14.53 -7.49
N LYS B 19 28.45 -13.57 -7.72
CA LYS B 19 27.46 -13.18 -6.70
C LYS B 19 26.33 -14.18 -6.64
N LYS B 20 25.79 -14.37 -5.44
CA LYS B 20 24.72 -15.34 -5.20
C LYS B 20 23.38 -14.60 -5.20
N VAL B 21 22.62 -14.76 -6.31
CA VAL B 21 21.36 -14.05 -6.56
C VAL B 21 20.13 -14.96 -6.66
N ILE B 22 19.02 -14.53 -6.00
CA ILE B 22 17.70 -15.14 -6.07
C ILE B 22 16.84 -14.28 -7.01
N VAL B 23 16.11 -14.90 -7.93
CA VAL B 23 15.20 -14.20 -8.83
C VAL B 23 13.84 -14.90 -8.78
N THR B 24 12.80 -14.22 -8.25
CA THR B 24 11.43 -14.74 -8.21
C THR B 24 10.74 -14.41 -9.54
N GLY B 25 9.69 -15.15 -9.87
CA GLY B 25 8.96 -14.99 -11.14
C GLY B 25 9.91 -14.98 -12.33
N ALA B 26 10.80 -16.01 -12.39
CA ALA B 26 11.86 -16.13 -13.38
C ALA B 26 11.53 -17.01 -14.61
N SER B 27 10.32 -17.57 -14.74
CA SER B 27 10.00 -18.44 -15.89
C SER B 27 9.63 -17.69 -17.20
N LYS B 28 9.35 -16.38 -17.10
CA LYS B 28 9.03 -15.52 -18.24
C LYS B 28 9.30 -14.05 -17.92
N GLY B 29 8.89 -13.17 -18.84
CA GLY B 29 8.99 -11.71 -18.75
C GLY B 29 10.30 -11.10 -18.30
N ILE B 30 10.21 -10.19 -17.35
CA ILE B 30 11.37 -9.45 -16.84
C ILE B 30 12.31 -10.34 -16.00
N GLY B 31 11.72 -11.25 -15.22
CA GLY B 31 12.42 -12.21 -14.37
C GLY B 31 13.37 -13.10 -15.15
N ARG B 32 12.88 -13.71 -16.25
CA ARG B 32 13.67 -14.54 -17.15
C ARG B 32 14.82 -13.72 -17.77
N GLU B 33 14.55 -12.45 -18.15
CA GLU B 33 15.59 -11.57 -18.71
C GLU B 33 16.65 -11.24 -17.69
N MET B 34 16.26 -11.11 -16.40
CA MET B 34 17.21 -10.81 -15.33
C MET B 34 18.09 -12.03 -15.13
N ALA B 35 17.46 -13.23 -15.14
CA ALA B 35 18.15 -14.50 -15.04
C ALA B 35 19.26 -14.54 -16.09
N TYR B 36 18.90 -14.30 -17.37
CA TYR B 36 19.80 -14.28 -18.51
C TYR B 36 20.95 -13.28 -18.35
N HIS B 37 20.64 -12.01 -18.05
CA HIS B 37 21.66 -10.97 -17.81
C HIS B 37 22.63 -11.39 -16.70
N LEU B 38 22.10 -11.94 -15.58
CA LEU B 38 22.90 -12.39 -14.42
C LEU B 38 23.85 -13.53 -14.79
N SER B 39 23.39 -14.45 -15.67
CA SER B 39 24.15 -15.58 -16.19
C SER B 39 25.35 -15.08 -17.03
N LYS B 40 25.08 -14.17 -18.00
CA LYS B 40 26.11 -13.58 -18.85
C LYS B 40 27.17 -12.82 -18.02
N MET B 41 26.80 -12.35 -16.82
CA MET B 41 27.72 -11.66 -15.91
C MET B 41 28.52 -12.63 -15.04
N GLY B 42 28.11 -13.90 -15.05
CA GLY B 42 28.76 -14.98 -14.33
C GLY B 42 28.40 -15.06 -12.86
N ALA B 43 27.12 -15.01 -12.57
CA ALA B 43 26.64 -15.08 -11.20
C ALA B 43 26.09 -16.46 -10.92
N HIS B 44 25.96 -16.78 -9.62
CA HIS B 44 25.30 -17.98 -9.15
C HIS B 44 23.82 -17.56 -9.03
N VAL B 45 22.92 -18.34 -9.64
CA VAL B 45 21.53 -17.97 -9.69
C VAL B 45 20.56 -19.07 -9.20
N VAL B 46 19.59 -18.71 -8.36
CA VAL B 46 18.52 -19.66 -7.99
C VAL B 46 17.19 -18.98 -8.31
N LEU B 47 16.44 -19.64 -9.19
CA LEU B 47 15.20 -19.17 -9.78
C LEU B 47 13.95 -19.86 -9.26
N THR B 48 12.82 -19.12 -9.23
CA THR B 48 11.53 -19.67 -8.79
C THR B 48 10.37 -19.08 -9.60
N ALA B 49 9.29 -19.87 -9.70
CA ALA B 49 8.02 -19.62 -10.37
C ALA B 49 7.19 -20.87 -10.05
N ARG B 50 5.96 -20.98 -10.57
CA ARG B 50 5.15 -22.17 -10.33
C ARG B 50 5.50 -23.25 -11.32
N SER B 51 5.67 -22.86 -12.62
CA SER B 51 5.99 -23.77 -13.73
C SER B 51 7.38 -24.38 -13.63
N GLU B 52 7.42 -25.66 -13.25
CA GLU B 52 8.63 -26.44 -13.13
C GLU B 52 9.32 -26.58 -14.52
N GLU B 53 8.51 -26.76 -15.58
CA GLU B 53 8.96 -26.87 -16.97
C GLU B 53 9.63 -25.59 -17.46
N GLY B 54 8.99 -24.46 -17.19
CA GLY B 54 9.48 -23.15 -17.59
C GLY B 54 10.79 -22.81 -16.93
N LEU B 55 10.91 -23.14 -15.62
CA LEU B 55 12.12 -22.93 -14.82
C LEU B 55 13.26 -23.79 -15.33
N GLN B 56 12.96 -25.07 -15.69
CA GLN B 56 13.92 -26.02 -16.28
C GLN B 56 14.52 -25.39 -17.53
N LYS B 57 13.66 -24.89 -18.46
CA LYS B 57 14.09 -24.24 -19.71
C LYS B 57 15.01 -23.04 -19.48
N VAL B 58 14.67 -22.17 -18.51
CA VAL B 58 15.50 -20.98 -18.29
C VAL B 58 16.83 -21.36 -17.60
N VAL B 59 16.83 -22.36 -16.68
CA VAL B 59 18.07 -22.86 -16.03
C VAL B 59 19.08 -23.36 -17.12
N SER B 60 18.58 -24.12 -18.14
CA SER B 60 19.38 -24.61 -19.28
C SER B 60 20.09 -23.48 -20.00
N ARG B 61 19.31 -22.48 -20.50
CA ARG B 61 19.82 -21.30 -21.19
C ARG B 61 20.79 -20.49 -20.31
N CYS B 62 20.50 -20.40 -18.99
CA CYS B 62 21.37 -19.72 -18.02
C CYS B 62 22.79 -20.31 -17.99
N LEU B 63 22.87 -21.66 -17.90
CA LEU B 63 24.12 -22.42 -17.87
C LEU B 63 24.88 -22.17 -19.17
N GLU B 64 24.16 -22.21 -20.30
CA GLU B 64 24.64 -21.95 -21.65
C GLU B 64 25.16 -20.51 -21.79
N LEU B 65 24.49 -19.53 -21.14
CA LEU B 65 24.87 -18.12 -21.21
C LEU B 65 26.12 -17.77 -20.39
N GLY B 66 26.50 -18.65 -19.45
CA GLY B 66 27.70 -18.48 -18.65
C GLY B 66 27.53 -18.40 -17.16
N ALA B 67 26.35 -18.83 -16.63
CA ALA B 67 26.05 -18.81 -15.21
C ALA B 67 27.05 -19.68 -14.43
N ALA B 68 27.60 -19.14 -13.31
CA ALA B 68 28.53 -19.84 -12.42
C ALA B 68 27.88 -21.16 -11.92
N SER B 69 26.57 -21.10 -11.60
CA SER B 69 25.69 -22.21 -11.20
C SER B 69 24.24 -21.74 -11.44
N ALA B 70 23.34 -22.67 -11.75
CA ALA B 70 21.94 -22.34 -11.96
C ALA B 70 21.03 -23.40 -11.34
N HIS B 71 20.17 -22.99 -10.38
CA HIS B 71 19.23 -23.85 -9.65
C HIS B 71 17.80 -23.33 -9.77
N TYR B 72 16.82 -24.21 -9.50
CA TYR B 72 15.42 -23.81 -9.47
C TYR B 72 14.68 -24.58 -8.39
N ILE B 73 13.64 -23.96 -7.82
CA ILE B 73 12.73 -24.55 -6.83
C ILE B 73 11.35 -24.02 -7.22
N ALA B 74 10.51 -24.89 -7.85
CA ALA B 74 9.16 -24.53 -8.29
C ALA B 74 8.18 -24.46 -7.10
N GLY B 75 7.22 -23.55 -7.19
CA GLY B 75 6.20 -23.36 -6.15
C GLY B 75 5.41 -22.07 -6.27
N THR B 76 4.34 -21.97 -5.44
CA THR B 76 3.45 -20.81 -5.39
C THR B 76 3.76 -19.89 -4.23
N MET B 77 3.79 -18.59 -4.55
CA MET B 77 4.05 -17.56 -3.57
C MET B 77 2.76 -17.18 -2.80
N GLU B 78 1.67 -17.98 -3.02
CA GLU B 78 0.41 -17.89 -2.28
C GLU B 78 0.64 -18.53 -0.90
N ASP B 79 1.61 -19.47 -0.83
CA ASP B 79 2.00 -20.19 0.36
C ASP B 79 3.18 -19.50 1.01
N MET B 80 2.94 -18.96 2.20
CA MET B 80 3.96 -18.25 2.97
C MET B 80 5.04 -19.18 3.54
N THR B 81 4.71 -20.48 3.80
CA THR B 81 5.69 -21.45 4.29
C THR B 81 6.66 -21.74 3.16
N PHE B 82 6.13 -21.96 1.91
CA PHE B 82 6.94 -22.14 0.71
C PHE B 82 7.90 -20.94 0.53
N ALA B 83 7.35 -19.71 0.50
CA ALA B 83 8.13 -18.47 0.35
C ALA B 83 9.34 -18.41 1.28
N GLU B 84 9.15 -18.72 2.59
CA GLU B 84 10.26 -18.70 3.55
C GLU B 84 11.22 -19.91 3.40
N GLN B 85 10.68 -21.14 3.13
CA GLN B 85 11.49 -22.35 2.91
C GLN B 85 12.42 -22.15 1.70
N PHE B 86 11.85 -21.58 0.61
CA PHE B 86 12.54 -21.29 -0.64
C PHE B 86 13.84 -20.52 -0.42
N ILE B 87 13.78 -19.44 0.39
CA ILE B 87 14.93 -18.60 0.73
C ILE B 87 16.02 -19.43 1.44
N VAL B 88 15.61 -20.21 2.47
CA VAL B 88 16.50 -21.08 3.25
C VAL B 88 17.23 -22.05 2.32
N LYS B 89 16.45 -22.76 1.46
CA LYS B 89 16.98 -23.72 0.50
C LYS B 89 17.94 -23.07 -0.49
N ALA B 90 17.53 -21.95 -1.12
CA ALA B 90 18.33 -21.22 -2.10
C ALA B 90 19.66 -20.77 -1.52
N GLY B 91 19.60 -20.29 -0.27
CA GLY B 91 20.76 -19.84 0.48
C GLY B 91 21.74 -20.97 0.73
N LYS B 92 21.21 -22.18 1.01
CA LYS B 92 22.00 -23.40 1.21
C LYS B 92 22.58 -23.87 -0.12
N LEU B 93 21.77 -23.85 -1.20
CA LEU B 93 22.22 -24.21 -2.55
C LEU B 93 23.40 -23.38 -3.06
N MET B 94 23.53 -22.12 -2.63
CA MET B 94 24.64 -21.26 -3.04
C MET B 94 25.66 -21.04 -1.93
N GLY B 95 25.32 -21.42 -0.70
CA GLY B 95 26.17 -21.19 0.47
C GLY B 95 26.26 -19.71 0.78
N GLY B 96 25.13 -19.02 0.67
CA GLY B 96 25.00 -17.58 0.90
C GLY B 96 24.07 -16.88 -0.07
N LEU B 97 23.92 -15.54 0.13
CA LEU B 97 23.08 -14.66 -0.67
C LEU B 97 23.65 -13.25 -0.70
N ASP B 98 23.80 -12.69 -1.91
CA ASP B 98 24.33 -11.34 -2.17
C ASP B 98 23.24 -10.37 -2.65
N MET B 99 22.24 -10.89 -3.37
CA MET B 99 21.15 -10.08 -3.90
C MET B 99 19.86 -10.88 -3.98
N LEU B 100 18.77 -10.29 -3.48
CA LEU B 100 17.42 -10.88 -3.51
C LEU B 100 16.57 -10.05 -4.50
N ILE B 101 16.07 -10.69 -5.56
CA ILE B 101 15.25 -10.00 -6.57
C ILE B 101 13.80 -10.48 -6.47
N LEU B 102 12.93 -9.66 -5.82
CA LEU B 102 11.51 -9.95 -5.60
C LEU B 102 10.74 -9.36 -6.75
N ASN B 103 10.31 -10.24 -7.66
CA ASN B 103 9.74 -9.89 -8.96
C ASN B 103 8.37 -10.50 -9.29
N HIS B 104 8.07 -11.73 -8.88
CA HIS B 104 6.79 -12.38 -9.22
C HIS B 104 5.56 -11.52 -8.83
N ILE B 105 4.45 -11.76 -9.51
CA ILE B 105 3.15 -11.14 -9.23
C ILE B 105 2.11 -12.16 -9.55
N THR B 106 0.97 -12.13 -8.87
CA THR B 106 -0.14 -13.01 -9.22
C THR B 106 -0.84 -12.42 -10.46
N GLN B 107 -1.54 -13.27 -11.24
CA GLN B 107 -2.28 -12.84 -12.43
C GLN B 107 -3.39 -11.87 -12.06
N THR B 108 -3.47 -10.79 -12.83
CA THR B 108 -4.50 -9.76 -12.75
C THR B 108 -4.86 -9.27 -14.13
N SER B 109 -6.15 -9.00 -14.34
CA SER B 109 -6.65 -8.49 -15.61
C SER B 109 -7.25 -7.10 -15.39
N LEU B 110 -7.06 -6.18 -16.36
CA LEU B 110 -7.58 -4.80 -16.34
C LEU B 110 -9.11 -4.82 -16.23
N SER B 111 -9.64 -4.33 -15.12
CA SER B 111 -11.07 -4.30 -14.90
C SER B 111 -11.43 -3.16 -13.93
N LEU B 112 -12.53 -2.43 -14.22
CA LEU B 112 -13.06 -1.41 -13.31
C LEU B 112 -13.47 -2.19 -12.06
N PHE B 113 -12.96 -1.82 -10.88
CA PHE B 113 -13.25 -2.61 -9.67
C PHE B 113 -14.75 -2.75 -9.39
N HIS B 114 -15.18 -3.99 -9.10
CA HIS B 114 -16.58 -4.28 -8.80
C HIS B 114 -16.76 -4.94 -7.40
N ASP B 115 -16.43 -6.25 -7.25
CA ASP B 115 -16.65 -6.95 -5.98
C ASP B 115 -15.68 -8.07 -5.67
N ASP B 116 -14.62 -8.25 -6.48
CA ASP B 116 -13.69 -9.36 -6.25
C ASP B 116 -12.79 -9.14 -5.02
N ILE B 117 -13.29 -9.54 -3.83
CA ILE B 117 -12.57 -9.41 -2.57
C ILE B 117 -11.50 -10.51 -2.43
N HIS B 118 -11.82 -11.73 -2.93
CA HIS B 118 -10.91 -12.87 -2.93
C HIS B 118 -9.72 -12.61 -3.83
N SER B 119 -9.93 -11.89 -4.96
CA SER B 119 -8.85 -11.47 -5.87
C SER B 119 -7.94 -10.48 -5.14
N VAL B 120 -8.53 -9.53 -4.40
CA VAL B 120 -7.81 -8.50 -3.63
C VAL B 120 -6.96 -9.16 -2.55
N ARG B 121 -7.45 -10.22 -1.89
CA ARG B 121 -6.67 -10.92 -0.87
C ARG B 121 -5.48 -11.65 -1.52
N ARG B 122 -5.74 -12.35 -2.63
CA ARG B 122 -4.73 -13.08 -3.41
C ARG B 122 -3.64 -12.10 -3.88
N VAL B 123 -4.04 -10.91 -4.39
CA VAL B 123 -3.12 -9.88 -4.83
C VAL B 123 -2.22 -9.44 -3.70
N MET B 124 -2.78 -9.10 -2.53
CA MET B 124 -2.01 -8.68 -1.36
C MET B 124 -1.08 -9.76 -0.82
N GLU B 125 -1.56 -11.01 -0.80
CA GLU B 125 -0.82 -12.18 -0.34
C GLU B 125 0.45 -12.43 -1.22
N VAL B 126 0.23 -12.58 -2.53
CA VAL B 126 1.29 -12.82 -3.50
C VAL B 126 2.15 -11.59 -3.77
N ASN B 127 1.54 -10.47 -4.18
CA ASN B 127 2.31 -9.29 -4.56
C ASN B 127 2.94 -8.55 -3.40
N PHE B 128 2.36 -8.66 -2.18
CA PHE B 128 2.92 -7.92 -1.05
C PHE B 128 3.47 -8.82 0.08
N LEU B 129 2.61 -9.64 0.75
CA LEU B 129 3.00 -10.46 1.90
C LEU B 129 4.19 -11.39 1.65
N SER B 130 4.24 -12.04 0.47
CA SER B 130 5.32 -12.97 0.14
C SER B 130 6.68 -12.27 0.11
N TYR B 131 6.70 -11.01 -0.37
CA TYR B 131 7.91 -10.18 -0.45
C TYR B 131 8.41 -9.85 0.95
N VAL B 132 7.50 -9.58 1.90
CA VAL B 132 7.93 -9.28 3.27
C VAL B 132 8.44 -10.60 3.94
N VAL B 133 7.79 -11.77 3.63
CA VAL B 133 8.17 -13.08 4.16
C VAL B 133 9.61 -13.41 3.70
N MET B 134 9.86 -13.28 2.39
CA MET B 134 11.17 -13.56 1.80
C MET B 134 12.24 -12.60 2.25
N SER B 135 11.96 -11.28 2.30
CA SER B 135 12.98 -10.34 2.77
C SER B 135 13.41 -10.61 4.23
N THR B 136 12.46 -11.00 5.08
CA THR B 136 12.70 -11.32 6.49
C THR B 136 13.56 -12.60 6.59
N ALA B 137 13.29 -13.58 5.71
CA ALA B 137 14.00 -14.85 5.66
C ALA B 137 15.43 -14.71 5.11
N ALA B 138 15.64 -13.77 4.18
CA ALA B 138 16.93 -13.53 3.51
C ALA B 138 17.83 -12.56 4.22
N LEU B 139 17.27 -11.74 5.12
CA LEU B 139 18.00 -10.68 5.79
C LEU B 139 19.21 -11.17 6.58
N PRO B 140 19.17 -12.25 7.39
CA PRO B 140 20.41 -12.69 8.09
C PRO B 140 21.58 -12.96 7.14
N MET B 141 21.30 -13.59 5.97
CA MET B 141 22.31 -13.90 4.94
C MET B 141 22.82 -12.63 4.29
N LEU B 142 21.91 -11.69 3.99
CA LEU B 142 22.24 -10.43 3.32
C LEU B 142 23.04 -9.52 4.26
N LYS B 143 22.74 -9.60 5.58
CA LYS B 143 23.44 -8.84 6.63
C LYS B 143 24.93 -9.24 6.63
N GLN B 144 25.22 -10.54 6.42
CA GLN B 144 26.56 -11.14 6.35
C GLN B 144 27.39 -10.68 5.15
N SER B 145 26.76 -10.66 3.95
CA SER B 145 27.43 -10.30 2.69
C SER B 145 27.35 -8.82 2.35
N ASN B 146 26.69 -8.00 3.23
CA ASN B 146 26.41 -6.58 3.00
C ASN B 146 25.64 -6.45 1.65
N GLY B 147 24.64 -7.32 1.50
CA GLY B 147 23.83 -7.51 0.32
C GLY B 147 22.79 -6.47 -0.02
N SER B 148 21.91 -6.84 -0.97
CA SER B 148 20.89 -5.99 -1.56
C SER B 148 19.58 -6.71 -1.86
N ILE B 149 18.47 -5.94 -1.76
CA ILE B 149 17.16 -6.41 -2.18
C ILE B 149 16.69 -5.47 -3.29
N ALA B 150 16.12 -6.06 -4.36
CA ALA B 150 15.47 -5.34 -5.46
C ALA B 150 14.00 -5.68 -5.36
N VAL B 151 13.18 -4.66 -5.08
CA VAL B 151 11.72 -4.79 -4.95
C VAL B 151 11.13 -4.26 -6.26
N ILE B 152 10.56 -5.15 -7.06
CA ILE B 152 10.02 -4.71 -8.35
C ILE B 152 8.61 -4.15 -8.19
N SER B 153 8.46 -2.89 -8.56
CA SER B 153 7.24 -2.11 -8.48
C SER B 153 6.88 -1.57 -9.89
N SER B 154 5.95 -0.59 -9.96
CA SER B 154 5.44 0.04 -11.19
C SER B 154 5.15 1.50 -10.96
N LEU B 155 4.80 2.24 -12.05
CA LEU B 155 4.31 3.63 -11.97
C LEU B 155 3.03 3.60 -11.11
N ALA B 156 2.23 2.51 -11.22
CA ALA B 156 1.02 2.22 -10.44
C ALA B 156 1.33 2.03 -8.93
N GLY B 157 2.60 2.09 -8.56
CA GLY B 157 3.02 1.98 -7.17
C GLY B 157 3.46 3.31 -6.63
N LYS B 158 3.34 4.33 -7.48
CA LYS B 158 3.75 5.71 -7.18
C LYS B 158 2.65 6.73 -7.55
N MET B 159 1.69 6.32 -8.37
CA MET B 159 0.58 7.11 -8.89
C MET B 159 -0.58 6.13 -9.19
N THR B 160 -1.72 6.67 -9.61
CA THR B 160 -2.94 5.90 -9.81
C THR B 160 -3.48 5.97 -11.27
N GLN B 161 -4.12 4.88 -11.72
CA GLN B 161 -4.72 4.71 -13.05
C GLN B 161 -5.97 3.86 -12.97
N PRO B 162 -6.97 4.04 -13.86
CA PRO B 162 -8.16 3.16 -13.81
C PRO B 162 -7.88 1.69 -14.08
N MET B 163 -8.77 0.80 -13.58
CA MET B 163 -8.86 -0.64 -13.83
C MET B 163 -7.79 -1.54 -13.14
N ILE B 164 -6.94 -0.97 -12.26
CA ILE B 164 -5.86 -1.73 -11.58
C ILE B 164 -5.78 -1.51 -10.08
N ALA B 165 -6.92 -1.26 -9.42
CA ALA B 165 -7.00 -0.96 -7.97
C ALA B 165 -6.28 -1.97 -7.08
N PRO B 166 -6.56 -3.30 -7.14
CA PRO B 166 -5.85 -4.24 -6.24
C PRO B 166 -4.34 -4.26 -6.44
N TYR B 167 -3.90 -4.27 -7.69
CA TYR B 167 -2.50 -4.27 -8.10
C TYR B 167 -1.78 -3.01 -7.59
N SER B 168 -2.35 -1.85 -7.86
CA SER B 168 -1.85 -0.56 -7.43
C SER B 168 -1.74 -0.55 -5.88
N ALA B 169 -2.75 -1.11 -5.18
CA ALA B 169 -2.78 -1.23 -3.71
C ALA B 169 -1.55 -1.98 -3.20
N SER B 170 -1.19 -3.09 -3.87
CA SER B 170 -0.05 -3.93 -3.50
C SER B 170 1.30 -3.26 -3.74
N LYS B 171 1.44 -2.50 -4.85
CA LYS B 171 2.70 -1.84 -5.20
C LYS B 171 2.92 -0.66 -4.29
N PHE B 172 1.82 0.02 -3.92
CA PHE B 172 1.85 1.12 -2.97
C PHE B 172 2.28 0.57 -1.60
N ALA B 173 1.70 -0.58 -1.20
CA ALA B 173 2.01 -1.26 0.06
C ALA B 173 3.52 -1.57 0.14
N LEU B 174 4.14 -2.06 -0.97
CA LEU B 174 5.58 -2.38 -1.03
C LEU B 174 6.43 -1.14 -0.74
N ASP B 175 6.07 0.01 -1.38
CA ASP B 175 6.75 1.27 -1.18
C ASP B 175 6.70 1.64 0.30
N GLY B 176 5.49 1.65 0.89
CA GLY B 176 5.27 1.93 2.30
C GLY B 176 6.12 1.09 3.24
N PHE B 177 6.14 -0.23 3.01
CA PHE B 177 6.88 -1.19 3.83
C PHE B 177 8.38 -1.10 3.67
N PHE B 178 8.89 -1.32 2.44
CA PHE B 178 10.32 -1.36 2.15
C PHE B 178 11.03 -0.04 2.32
N SER B 179 10.34 1.09 2.18
CA SER B 179 10.97 2.40 2.41
C SER B 179 11.22 2.56 3.90
N THR B 180 10.31 2.02 4.75
CA THR B 180 10.46 2.01 6.21
C THR B 180 11.65 1.12 6.58
N ILE B 181 11.73 -0.11 6.01
CA ILE B 181 12.84 -1.06 6.21
C ILE B 181 14.17 -0.41 5.79
N ARG B 182 14.23 0.21 4.59
CA ARG B 182 15.44 0.90 4.12
C ARG B 182 15.93 1.90 5.18
N THR B 183 15.07 2.84 5.60
CA THR B 183 15.38 3.83 6.63
C THR B 183 15.89 3.17 7.93
N GLU B 184 15.23 2.07 8.33
CA GLU B 184 15.55 1.31 9.54
C GLU B 184 16.94 0.68 9.47
N LEU B 185 17.34 0.17 8.27
CA LEU B 185 18.65 -0.46 8.05
C LEU B 185 19.75 0.59 8.13
N TYR B 186 19.50 1.76 7.52
CA TYR B 186 20.41 2.90 7.53
C TYR B 186 20.66 3.42 8.94
N ILE B 187 19.59 3.66 9.74
CA ILE B 187 19.73 4.22 11.09
C ILE B 187 20.34 3.22 12.10
N THR B 188 20.22 1.89 11.84
CA THR B 188 20.80 0.85 12.69
C THR B 188 22.20 0.46 12.16
N LYS B 189 22.72 1.25 11.21
CA LYS B 189 24.04 1.07 10.58
C LYS B 189 24.24 -0.37 9.99
N VAL B 190 23.18 -0.95 9.39
CA VAL B 190 23.21 -2.26 8.73
C VAL B 190 23.39 -2.00 7.22
N ASN B 191 24.51 -2.46 6.65
CA ASN B 191 24.81 -2.19 5.24
C ASN B 191 24.12 -3.16 4.27
N VAL B 192 22.79 -3.13 4.25
CA VAL B 192 21.95 -3.88 3.30
C VAL B 192 21.15 -2.81 2.55
N SER B 193 21.26 -2.81 1.21
CA SER B 193 20.56 -1.83 0.37
C SER B 193 19.20 -2.36 -0.13
N ILE B 194 18.24 -1.42 -0.32
CA ILE B 194 16.88 -1.72 -0.79
C ILE B 194 16.62 -0.87 -2.01
N THR B 195 16.38 -1.51 -3.16
CA THR B 195 16.15 -0.78 -4.41
C THR B 195 14.75 -1.03 -4.88
N LEU B 196 13.91 0.02 -4.83
CA LEU B 196 12.53 -0.06 -5.33
C LEU B 196 12.58 0.29 -6.82
N CYS B 197 12.16 -0.62 -7.68
CA CYS B 197 12.27 -0.41 -9.11
C CYS B 197 10.92 -0.07 -9.67
N VAL B 198 10.76 1.20 -10.09
CA VAL B 198 9.51 1.77 -10.57
C VAL B 198 9.46 1.68 -12.10
N LEU B 199 8.71 0.68 -12.57
CA LEU B 199 8.65 0.39 -13.99
C LEU B 199 7.44 0.89 -14.70
N GLY B 200 7.68 1.37 -15.91
CA GLY B 200 6.62 1.77 -16.84
C GLY B 200 6.14 0.53 -17.56
N LEU B 201 5.35 0.68 -18.61
CA LEU B 201 4.85 -0.45 -19.40
C LEU B 201 6.00 -1.13 -20.15
N ILE B 202 6.11 -2.46 -19.99
CA ILE B 202 7.19 -3.31 -20.51
C ILE B 202 6.63 -4.36 -21.47
N ASP B 203 7.43 -4.65 -22.52
CA ASP B 203 7.28 -5.58 -23.67
C ASP B 203 6.74 -6.97 -23.36
N THR B 204 6.59 -7.36 -22.10
CA THR B 204 6.21 -8.73 -21.77
C THR B 204 4.87 -9.11 -22.37
N GLU B 205 4.79 -10.34 -22.88
CA GLU B 205 3.64 -10.95 -23.54
C GLU B 205 2.38 -10.86 -22.71
N THR B 206 2.50 -11.16 -21.41
CA THR B 206 1.39 -11.12 -20.46
C THR B 206 0.87 -9.69 -20.31
N ALA B 207 1.78 -8.71 -20.17
CA ALA B 207 1.43 -7.29 -20.05
C ALA B 207 0.69 -6.78 -21.29
N MET B 208 1.28 -7.08 -22.47
CA MET B 208 0.79 -6.70 -23.79
C MET B 208 -0.56 -7.32 -24.11
N LYS B 209 -0.76 -8.54 -23.61
CA LYS B 209 -1.99 -9.29 -23.81
C LYS B 209 -3.08 -8.65 -22.97
N GLU B 210 -2.72 -8.28 -21.74
CA GLU B 210 -3.62 -7.71 -20.75
C GLU B 210 -4.18 -6.32 -21.13
N ILE B 211 -3.33 -5.47 -21.72
CA ILE B 211 -3.68 -4.12 -22.10
C ILE B 211 -4.34 -4.02 -23.49
N SER B 212 -4.15 -5.00 -24.38
CA SER B 212 -4.69 -5.00 -25.75
C SER B 212 -6.13 -4.57 -25.81
N GLY B 213 -6.39 -3.56 -26.64
CA GLY B 213 -7.69 -2.95 -26.87
C GLY B 213 -8.23 -2.09 -25.73
N ILE B 214 -7.47 -1.97 -24.62
CA ILE B 214 -7.84 -1.16 -23.46
C ILE B 214 -6.93 0.07 -23.35
N ILE B 215 -5.59 -0.14 -23.42
CA ILE B 215 -4.56 0.90 -23.26
C ILE B 215 -3.74 0.96 -24.51
N ASN B 216 -3.44 2.20 -24.91
CA ASN B 216 -2.76 2.63 -26.13
C ASN B 216 -1.30 3.01 -26.00
N ALA B 217 -0.74 3.07 -24.78
CA ALA B 217 0.64 3.51 -24.60
C ALA B 217 1.69 2.55 -25.16
N GLN B 218 2.86 3.09 -25.60
CA GLN B 218 4.06 2.38 -26.08
C GLN B 218 4.78 1.71 -24.91
N ALA B 219 5.27 0.48 -25.13
CA ALA B 219 5.99 -0.29 -24.11
C ALA B 219 7.49 -0.27 -24.34
N SER B 220 8.25 -0.39 -23.26
CA SER B 220 9.71 -0.40 -23.26
C SER B 220 10.23 -1.85 -23.39
N PRO B 221 11.44 -2.08 -23.93
CA PRO B 221 11.93 -3.46 -24.09
C PRO B 221 12.34 -4.13 -22.77
N LYS B 222 11.87 -5.38 -22.58
CA LYS B 222 12.10 -6.20 -21.38
C LYS B 222 13.55 -6.49 -21.07
N GLU B 223 14.40 -6.65 -22.12
CA GLU B 223 15.82 -6.94 -21.97
C GLU B 223 16.53 -5.77 -21.33
N GLU B 224 16.26 -4.55 -21.82
CA GLU B 224 16.89 -3.32 -21.30
C GLU B 224 16.43 -3.07 -19.86
N CYS B 225 15.14 -3.35 -19.59
CA CYS B 225 14.47 -3.17 -18.33
C CYS B 225 15.18 -3.97 -17.24
N ALA B 226 15.38 -5.28 -17.52
CA ALA B 226 16.01 -6.28 -16.68
C ALA B 226 17.41 -5.83 -16.31
N LEU B 227 18.15 -5.30 -17.29
CA LEU B 227 19.50 -4.83 -17.07
C LEU B 227 19.51 -3.58 -16.21
N GLU B 228 18.55 -2.67 -16.41
CA GLU B 228 18.51 -1.44 -15.62
C GLU B 228 18.24 -1.71 -14.14
N ILE B 229 17.43 -2.76 -13.83
CA ILE B 229 17.11 -3.22 -12.49
C ILE B 229 18.39 -3.71 -11.81
N ILE B 230 19.10 -4.67 -12.47
CA ILE B 230 20.34 -5.28 -12.01
C ILE B 230 21.37 -4.18 -11.73
N LYS B 231 21.58 -3.28 -12.72
CA LYS B 231 22.52 -2.18 -12.60
C LYS B 231 22.23 -1.32 -11.37
N GLY B 232 20.97 -0.91 -11.22
CA GLY B 232 20.50 -0.06 -10.12
C GLY B 232 20.67 -0.68 -8.74
N THR B 233 20.38 -1.98 -8.65
CA THR B 233 20.48 -2.76 -7.41
C THR B 233 21.95 -2.93 -7.05
N ALA B 234 22.80 -3.28 -8.05
CA ALA B 234 24.23 -3.44 -7.88
C ALA B 234 24.86 -2.14 -7.39
N LEU B 235 24.39 -0.99 -7.94
CA LEU B 235 24.88 0.33 -7.55
C LEU B 235 24.29 0.86 -6.25
N ARG B 236 23.43 0.06 -5.59
CA ARG B 236 22.80 0.32 -4.28
C ARG B 236 21.92 1.60 -4.22
N LYS B 237 21.24 1.95 -5.35
CA LYS B 237 20.35 3.13 -5.46
C LYS B 237 19.03 2.82 -4.71
N SER B 238 18.40 3.83 -4.08
CA SER B 238 17.14 3.64 -3.34
C SER B 238 16.04 3.39 -4.33
N GLU B 239 16.04 4.14 -5.44
CA GLU B 239 15.02 3.95 -6.46
C GLU B 239 15.58 3.97 -7.85
N VAL B 240 14.99 3.15 -8.71
CA VAL B 240 15.29 3.05 -10.13
C VAL B 240 13.96 3.30 -10.83
N TYR B 241 13.92 4.26 -11.76
CA TYR B 241 12.72 4.50 -12.58
C TYR B 241 13.08 4.00 -13.99
N TYR B 242 12.30 3.11 -14.57
CA TYR B 242 12.58 2.67 -15.93
C TYR B 242 11.31 2.83 -16.73
N ASP B 243 11.32 3.79 -17.66
CA ASP B 243 10.15 4.12 -18.46
C ASP B 243 10.54 4.99 -19.66
N LYS B 244 9.68 5.03 -20.72
CA LYS B 244 9.93 5.80 -21.96
C LYS B 244 10.16 7.29 -21.75
N SER B 245 9.41 7.95 -20.85
CA SER B 245 9.57 9.38 -20.60
C SER B 245 10.65 9.71 -19.59
N PRO B 246 11.54 10.68 -19.90
CA PRO B 246 12.56 11.10 -18.92
C PRO B 246 12.01 12.03 -17.85
N LEU B 247 10.71 12.37 -17.95
CA LEU B 247 9.96 13.25 -17.05
C LEU B 247 9.49 12.49 -15.81
N THR B 248 9.16 11.19 -15.97
CA THR B 248 8.68 10.24 -14.98
C THR B 248 9.42 10.33 -13.64
N PRO B 249 10.77 10.18 -13.56
CA PRO B 249 11.43 10.31 -12.25
C PRO B 249 11.32 11.70 -11.62
N ILE B 250 11.16 12.77 -12.43
CA ILE B 250 11.02 14.13 -11.90
C ILE B 250 9.58 14.31 -11.39
N LEU B 251 8.58 13.81 -12.16
CA LEU B 251 7.17 13.89 -11.82
C LEU B 251 6.80 13.03 -10.62
N LEU B 252 7.31 11.78 -10.55
CA LEU B 252 6.99 10.84 -9.47
C LEU B 252 7.96 10.81 -8.31
N GLY B 253 9.06 11.55 -8.44
CA GLY B 253 10.14 11.57 -7.47
C GLY B 253 9.78 12.00 -6.08
N ASN B 254 8.84 12.95 -5.94
CA ASN B 254 8.31 13.45 -4.66
C ASN B 254 9.42 13.92 -3.68
N PRO B 255 10.18 15.00 -4.03
CA PRO B 255 11.21 15.50 -3.11
C PRO B 255 10.64 16.00 -1.79
N GLY B 256 9.37 16.40 -1.80
CA GLY B 256 8.64 16.87 -0.61
C GLY B 256 8.59 15.80 0.46
N ARG B 257 8.35 14.54 0.04
CA ARG B 257 8.33 13.34 0.89
C ARG B 257 9.70 13.12 1.48
N LYS B 258 10.74 13.28 0.65
CA LYS B 258 12.13 13.09 1.04
C LYS B 258 12.54 14.09 2.11
N ILE B 259 12.10 15.36 1.97
CA ILE B 259 12.33 16.43 2.95
C ILE B 259 11.66 16.08 4.29
N MET B 260 10.37 15.73 4.26
CA MET B 260 9.58 15.33 5.44
C MET B 260 10.25 14.16 6.14
N GLU B 261 10.70 13.14 5.38
CA GLU B 261 11.35 11.93 5.87
C GLU B 261 12.62 12.23 6.65
N PHE B 262 13.47 13.11 6.09
CA PHE B 262 14.71 13.51 6.74
C PHE B 262 14.42 14.28 8.05
N PHE B 263 13.64 15.35 7.95
CA PHE B 263 13.31 16.23 9.06
C PHE B 263 12.61 15.53 10.23
N SER B 264 11.74 14.54 9.95
CA SER B 264 10.96 13.83 10.96
C SER B 264 11.78 12.99 11.93
N LEU B 265 12.95 12.50 11.48
CA LEU B 265 13.87 11.70 12.30
C LEU B 265 14.35 12.45 13.57
N ARG B 266 14.31 13.81 13.56
CA ARG B 266 14.69 14.66 14.67
C ARG B 266 13.83 14.45 15.92
N TYR B 267 12.65 13.82 15.76
CA TYR B 267 11.70 13.56 16.83
C TYR B 267 11.85 12.17 17.42
N TYR B 268 12.69 11.33 16.82
CA TYR B 268 12.91 9.97 17.32
C TYR B 268 14.02 9.98 18.38
N ASN B 269 13.87 9.12 19.39
CA ASN B 269 14.85 8.91 20.45
C ASN B 269 15.96 8.07 19.78
N LYS B 270 17.15 8.68 19.56
CA LYS B 270 18.29 8.00 18.92
C LYS B 270 18.68 6.66 19.59
N ASP B 271 18.39 6.50 20.91
CA ASP B 271 18.66 5.28 21.70
C ASP B 271 17.89 4.05 21.18
N MET B 272 16.77 4.27 20.45
CA MET B 272 15.92 3.22 19.86
C MET B 272 16.68 2.46 18.77
N PHE B 273 17.78 3.03 18.22
CA PHE B 273 18.59 2.42 17.17
C PHE B 273 20.08 2.51 17.46
#